data_6HYG
#
_entry.id   6HYG
#
_cell.length_a   136.119
_cell.length_b   63.253
_cell.length_c   77.551
_cell.angle_alpha   90.00
_cell.angle_beta   90.00
_cell.angle_gamma   90.00
#
_symmetry.space_group_name_H-M   'C 1 2 1'
#
loop_
_entity.id
_entity.type
_entity.pdbx_description
1 polymer 'IgHG1 and IgHG4 hybrid'
2 non-polymer 'ZINC ION'
3 water water
#
_entity_poly.entity_id   1
_entity_poly.type   'polypeptide(L)'
_entity_poly.pdbx_seq_one_letter_code
;DKTHTCPSCPAPEFLGGPSVFLFPPKPKDTLMISRTPEVTCVVVDVSQEDPEVQFNWYVDGVEVHNAKTKPREEQFNSKY
RVVSVLTVLHQDWLNGKEYKCKVSNKGLPSSIEKTISKAKGQPREPQVYTLPPSREEMTKNQVSLSCAVKGFYPSDIAVE
WESNGQPENNYKTTPPVLDSDGSFFLVSKLTVDKSRWQQGNVFSCSVMHEALHNHYTQKSLSLSKSCDKTGGGGSGGGGS
GGGGSGGGGSGGGGSGGGGSGGGGSGGGGSCPSCPAPEFLGGPSVFLFPPKPKDTLMISRTPEVTCVVVDVSQEDPEVQF
NWYVDGVEVHNAKTKPREEQFNSDYRVVSVLTVLHQDWLNGKEYKCKVSNKGLPSSIEKTISKAKGQPREPQVYTLPPSR
EEMTKNQVSLWCLVKGFYPSDIAVEWESNGQPENNYKTTPPVLDSDGSFFLYSKLTVDKSRWQQGNVFSCSVMHEALHNH
YTQKSLSLSGEC
;
_entity_poly.pdbx_strand_id   A
#
loop_
_chem_comp.id
_chem_comp.type
_chem_comp.name
_chem_comp.formula
ZN non-polymer 'ZINC ION' 'Zn 2'
#
# COMPACT_ATOMS: atom_id res chain seq x y z
N GLY A 17 -7.58 6.37 26.85
CA GLY A 17 -8.77 6.73 26.02
C GLY A 17 -9.16 5.60 25.08
N PRO A 18 -10.36 4.98 25.23
CA PRO A 18 -10.83 3.94 24.30
C PRO A 18 -11.24 4.42 22.90
N SER A 19 -10.78 3.74 21.86
CA SER A 19 -11.05 4.14 20.46
C SER A 19 -11.87 3.04 19.77
N VAL A 20 -12.45 3.36 18.59
CA VAL A 20 -13.29 2.41 17.82
C VAL A 20 -12.82 2.36 16.38
N PHE A 21 -12.57 1.14 15.89
CA PHE A 21 -12.31 0.79 14.50
C PHE A 21 -13.45 -0.09 14.04
N LEU A 22 -13.73 0.02 12.75
CA LEU A 22 -14.78 -0.76 12.09
C LEU A 22 -14.18 -1.24 10.80
N PHE A 23 -14.18 -2.54 10.56
CA PHE A 23 -13.50 -3.12 9.38
C PHE A 23 -14.52 -3.76 8.47
N PRO A 24 -14.29 -3.64 7.16
CA PRO A 24 -15.24 -4.20 6.23
C PRO A 24 -15.04 -5.72 6.12
N PRO A 25 -15.94 -6.43 5.43
CA PRO A 25 -15.76 -7.85 5.26
C PRO A 25 -14.47 -8.07 4.47
N LYS A 26 -13.97 -9.29 4.41
CA LYS A 26 -12.82 -9.60 3.54
C LYS A 26 -13.39 -9.79 2.15
N PRO A 27 -12.67 -9.35 1.09
CA PRO A 27 -13.24 -9.30 -0.26
C PRO A 27 -13.75 -10.67 -0.74
N LYS A 28 -13.00 -11.71 -0.47
CA LYS A 28 -13.37 -13.06 -1.00
C LYS A 28 -14.60 -13.61 -0.25
N ASP A 29 -14.76 -13.30 1.03
CA ASP A 29 -16.06 -13.65 1.65
C ASP A 29 -17.21 -12.92 0.97
N THR A 30 -17.03 -11.66 0.53
CA THR A 30 -18.19 -10.89 -0.04
C THR A 30 -18.48 -11.33 -1.47
N LEU A 31 -17.51 -11.94 -2.15
CA LEU A 31 -17.60 -12.32 -3.59
C LEU A 31 -18.05 -13.77 -3.78
N MET A 32 -17.84 -14.67 -2.83
CA MET A 32 -18.27 -16.08 -2.95
C MET A 32 -19.49 -16.29 -2.06
N ILE A 33 -20.54 -16.81 -2.68
CA ILE A 33 -21.93 -16.73 -2.14
C ILE A 33 -22.08 -17.84 -1.09
N SER A 34 -21.12 -18.78 -1.02
CA SER A 34 -21.12 -19.92 -0.04
C SER A 34 -20.41 -19.52 1.28
N ARG A 35 -19.59 -18.47 1.28
CA ARG A 35 -18.91 -17.99 2.50
C ARG A 35 -19.78 -16.99 3.26
N THR A 36 -19.27 -16.57 4.41
CA THR A 36 -20.00 -15.75 5.41
C THR A 36 -19.22 -14.45 5.56
N PRO A 37 -19.39 -13.45 4.65
CA PRO A 37 -18.87 -12.13 4.95
C PRO A 37 -19.32 -11.56 6.29
N GLU A 38 -18.40 -10.87 6.97
CA GLU A 38 -18.70 -10.14 8.22
C GLU A 38 -17.91 -8.81 8.30
N VAL A 39 -18.55 -7.81 8.86
CA VAL A 39 -17.93 -6.55 9.37
C VAL A 39 -17.55 -6.76 10.84
N THR A 40 -16.43 -6.19 11.27
CA THR A 40 -15.99 -6.37 12.65
C THR A 40 -15.84 -4.99 13.26
N CYS A 41 -16.36 -4.89 14.46
CA CYS A 41 -16.26 -3.67 15.25
C CYS A 41 -15.32 -3.95 16.42
N VAL A 42 -14.37 -3.06 16.61
CA VAL A 42 -13.22 -3.33 17.51
C VAL A 42 -13.12 -2.06 18.36
N VAL A 43 -13.17 -2.26 19.66
CA VAL A 43 -12.85 -1.26 20.69
C VAL A 43 -11.51 -1.62 21.30
N VAL A 44 -10.61 -0.66 21.20
CA VAL A 44 -9.21 -0.79 21.65
C VAL A 44 -9.09 0.00 22.95
N ASP A 45 -8.05 -0.27 23.75
CA ASP A 45 -7.72 0.51 24.97
C ASP A 45 -8.96 0.58 25.86
N VAL A 46 -9.59 -0.55 26.20
CA VAL A 46 -10.62 -0.61 27.28
C VAL A 46 -9.93 -0.84 28.64
N SER A 47 -10.00 0.13 29.55
CA SER A 47 -9.38 0.05 30.89
C SER A 47 -9.99 -1.14 31.67
N GLN A 48 -9.28 -1.69 32.66
CA GLN A 48 -9.81 -2.81 33.49
C GLN A 48 -10.85 -2.28 34.47
N GLU A 49 -10.71 -1.04 34.94
CA GLU A 49 -11.72 -0.48 35.90
C GLU A 49 -13.10 -0.43 35.22
N ASP A 50 -13.19 -0.44 33.88
CA ASP A 50 -14.46 -0.17 33.17
C ASP A 50 -14.56 -0.90 31.84
N PRO A 51 -14.97 -2.19 31.81
CA PRO A 51 -16.01 -2.65 30.88
C PRO A 51 -17.22 -2.39 31.78
N GLU A 52 -18.47 -2.70 31.38
CA GLU A 52 -18.88 -3.54 30.27
C GLU A 52 -18.95 -2.68 29.02
N VAL A 53 -18.80 -3.30 27.86
CA VAL A 53 -18.87 -2.64 26.52
C VAL A 53 -20.14 -3.09 25.80
N GLN A 54 -21.08 -2.17 25.54
CA GLN A 54 -22.37 -2.45 24.85
C GLN A 54 -22.22 -2.16 23.35
N PHE A 55 -22.73 -3.07 22.53
CA PHE A 55 -22.69 -2.95 21.05
C PHE A 55 -24.13 -2.85 20.54
N ASN A 56 -24.42 -1.77 19.78
CA ASN A 56 -25.69 -1.67 19.02
C ASN A 56 -25.29 -1.62 17.55
N TRP A 57 -26.02 -2.34 16.70
CA TRP A 57 -25.68 -2.47 15.27
C TRP A 57 -26.84 -1.97 14.42
N TYR A 58 -26.55 -1.20 13.37
CA TYR A 58 -27.61 -0.65 12.48
C TYR A 58 -27.27 -1.03 11.04
N VAL A 59 -28.27 -1.49 10.29
CA VAL A 59 -28.27 -1.72 8.83
C VAL A 59 -29.26 -0.74 8.25
N ASP A 60 -28.71 0.27 7.59
CA ASP A 60 -29.45 1.39 6.99
C ASP A 60 -30.35 2.00 8.07
N GLY A 61 -29.83 2.11 9.31
CA GLY A 61 -30.50 2.73 10.48
C GLY A 61 -31.48 1.80 11.22
N VAL A 62 -31.68 0.58 10.71
CA VAL A 62 -32.50 -0.39 11.49
C VAL A 62 -31.55 -1.21 12.38
N GLU A 63 -31.74 -1.08 13.69
CA GLU A 63 -31.17 -1.98 14.68
C GLU A 63 -31.18 -3.40 13.96
N VAL A 64 -30.14 -4.20 14.31
CA VAL A 64 -30.14 -5.68 14.07
C VAL A 64 -29.27 -6.35 15.16
N HIS A 65 -29.95 -7.51 15.67
CA HIS A 65 -29.69 -8.08 17.02
C HIS A 65 -28.88 -9.38 16.89
N ASN A 66 -28.30 -9.70 15.73
CA ASN A 66 -27.70 -11.05 15.47
C ASN A 66 -26.18 -11.06 15.79
N ALA A 67 -25.61 -9.89 16.12
CA ALA A 67 -24.12 -9.68 16.15
C ALA A 67 -23.52 -10.57 17.23
N LYS A 68 -22.26 -10.98 17.12
CA LYS A 68 -21.66 -11.85 18.17
C LYS A 68 -20.46 -11.12 18.77
N THR A 69 -20.49 -10.97 20.07
CA THR A 69 -19.48 -10.19 20.79
C THR A 69 -18.61 -11.17 21.57
N LYS A 70 -17.35 -11.28 21.15
CA LYS A 70 -16.34 -12.09 21.84
C LYS A 70 -16.04 -11.55 23.22
N PRO A 71 -15.50 -12.46 24.02
CA PRO A 71 -14.87 -12.05 25.26
C PRO A 71 -13.63 -11.17 24.98
N ARG A 72 -13.33 -10.32 25.97
CA ARG A 72 -12.31 -9.25 25.92
C ARG A 72 -10.92 -9.89 25.75
N GLU A 73 -10.12 -9.40 24.81
CA GLU A 73 -8.70 -9.85 24.62
C GLU A 73 -7.76 -8.99 25.47
N GLU A 74 -6.68 -9.58 25.97
CA GLU A 74 -5.57 -8.75 26.51
C GLU A 74 -4.84 -8.11 25.30
N GLN A 75 -4.46 -6.83 25.49
CA GLN A 75 -3.51 -6.10 24.62
C GLN A 75 -2.11 -6.31 25.23
N PHE A 76 -1.05 -5.87 24.56
CA PHE A 76 0.33 -5.97 25.09
C PHE A 76 0.54 -4.97 26.22
N ASN A 77 -0.42 -4.08 26.44
CA ASN A 77 -0.28 -3.01 27.46
C ASN A 77 -1.27 -3.13 28.61
N SER A 78 -1.95 -4.26 28.85
CA SER A 78 -2.79 -4.39 30.10
C SER A 78 -4.13 -3.63 30.01
N LYS A 79 -4.48 -3.15 28.83
CA LYS A 79 -5.85 -2.66 28.59
C LYS A 79 -6.47 -3.70 27.65
N TYR A 80 -7.77 -3.59 27.40
CA TYR A 80 -8.47 -4.67 26.67
C TYR A 80 -8.97 -4.15 25.35
N ARG A 81 -9.11 -5.11 24.47
CA ARG A 81 -9.80 -5.09 23.19
C ARG A 81 -11.11 -5.85 23.40
N VAL A 82 -12.17 -5.42 22.72
CA VAL A 82 -13.49 -6.11 22.62
C VAL A 82 -13.97 -5.95 21.19
N VAL A 83 -14.17 -7.06 20.52
CA VAL A 83 -14.52 -7.20 19.10
C VAL A 83 -15.97 -7.72 19.02
N SER A 84 -16.85 -7.02 18.28
CA SER A 84 -18.20 -7.49 17.85
C SER A 84 -18.21 -7.73 16.35
N VAL A 85 -18.75 -8.87 15.92
CA VAL A 85 -18.70 -9.35 14.50
C VAL A 85 -20.15 -9.49 14.01
N LEU A 86 -20.52 -8.82 12.91
CA LEU A 86 -21.92 -8.94 12.37
C LEU A 86 -21.82 -9.66 11.03
N THR A 87 -22.31 -10.86 10.91
CA THR A 87 -22.34 -11.43 9.53
C THR A 87 -23.34 -10.56 8.71
N VAL A 88 -22.99 -10.26 7.46
CA VAL A 88 -23.76 -9.48 6.45
C VAL A 88 -24.02 -10.32 5.17
N LEU A 89 -25.09 -9.98 4.46
CA LEU A 89 -25.66 -10.82 3.37
C LEU A 89 -24.98 -10.47 2.07
N HIS A 90 -24.67 -11.49 1.29
CA HIS A 90 -23.81 -11.31 0.11
C HIS A 90 -24.35 -10.09 -0.67
N GLN A 91 -25.67 -10.05 -0.86
CA GLN A 91 -26.40 -9.03 -1.66
C GLN A 91 -26.27 -7.66 -0.96
N ASP A 92 -26.64 -7.57 0.32
CA ASP A 92 -26.71 -6.27 1.06
C ASP A 92 -25.35 -5.60 0.95
N TRP A 93 -24.28 -6.34 1.16
CA TRP A 93 -22.93 -5.71 1.19
C TRP A 93 -22.62 -5.15 -0.21
N LEU A 94 -22.81 -5.96 -1.27
CA LEU A 94 -22.62 -5.54 -2.69
C LEU A 94 -23.63 -4.45 -3.13
N ASN A 95 -24.85 -4.45 -2.60
CA ASN A 95 -25.92 -3.42 -2.82
C ASN A 95 -25.64 -2.14 -2.02
N GLY A 96 -24.55 -2.12 -1.24
CA GLY A 96 -24.03 -0.94 -0.54
C GLY A 96 -24.91 -0.51 0.61
N LYS A 97 -25.25 -1.42 1.53
CA LYS A 97 -25.99 -1.00 2.74
C LYS A 97 -24.92 -0.58 3.73
N GLU A 98 -25.35 0.25 4.68
CA GLU A 98 -24.47 0.92 5.67
C GLU A 98 -24.58 0.21 6.99
N TYR A 99 -23.43 -0.14 7.55
CA TYR A 99 -23.37 -0.84 8.84
C TYR A 99 -22.78 0.15 9.84
N LYS A 100 -23.54 0.39 10.89
CA LYS A 100 -23.21 1.35 11.95
C LYS A 100 -22.94 0.51 13.20
N CYS A 101 -21.75 0.62 13.76
CA CYS A 101 -21.43 0.09 15.11
C CYS A 101 -21.55 1.28 16.06
N LYS A 102 -22.41 1.24 17.06
CA LYS A 102 -22.37 2.17 18.20
C LYS A 102 -21.84 1.42 19.42
N VAL A 103 -20.95 2.06 20.18
CA VAL A 103 -20.17 1.50 21.32
C VAL A 103 -20.42 2.34 22.58
N SER A 104 -21.05 1.75 23.61
CA SER A 104 -21.37 2.42 24.90
C SER A 104 -20.68 1.71 26.07
N ASN A 105 -19.88 2.48 26.80
CA ASN A 105 -18.92 2.02 27.83
C ASN A 105 -18.79 3.20 28.79
N LYS A 106 -19.12 3.05 30.08
CA LYS A 106 -18.83 4.13 31.08
C LYS A 106 -17.30 4.29 31.14
N GLY A 107 -16.77 5.53 31.14
CA GLY A 107 -15.33 5.78 31.00
C GLY A 107 -14.92 5.90 29.54
N LEU A 108 -15.88 5.69 28.63
CA LEU A 108 -16.18 6.52 27.45
C LEU A 108 -17.26 7.52 27.91
N PRO A 109 -17.16 8.85 27.65
CA PRO A 109 -18.29 9.74 27.86
C PRO A 109 -19.12 9.63 26.58
N SER A 110 -20.42 9.31 26.70
CA SER A 110 -21.38 9.13 25.58
C SER A 110 -21.11 7.83 24.79
N SER A 111 -20.72 7.94 23.52
CA SER A 111 -20.90 6.86 22.53
C SER A 111 -20.13 7.23 21.28
N ILE A 112 -19.29 6.31 20.82
CA ILE A 112 -18.57 6.39 19.53
C ILE A 112 -19.35 5.46 18.59
N GLU A 113 -19.74 6.00 17.45
CA GLU A 113 -20.44 5.35 16.32
C GLU A 113 -19.54 5.49 15.12
N LYS A 114 -19.32 4.39 14.39
CA LYS A 114 -18.61 4.40 13.10
C LYS A 114 -19.60 3.77 12.14
N THR A 115 -19.54 4.18 10.90
CA THR A 115 -20.39 3.66 9.80
C THR A 115 -19.45 3.15 8.72
N ILE A 116 -19.76 2.00 8.12
CA ILE A 116 -18.99 1.50 6.96
C ILE A 116 -19.98 1.13 5.86
N SER A 117 -19.52 1.12 4.64
CA SER A 117 -20.29 0.56 3.52
C SER A 117 -19.29 0.25 2.44
N LYS A 118 -19.73 -0.36 1.36
CA LYS A 118 -18.82 -0.55 0.20
C LYS A 118 -18.72 0.81 -0.49
N ALA A 119 -17.64 1.01 -1.20
CA ALA A 119 -17.41 2.23 -2.00
C ALA A 119 -18.52 2.29 -3.03
N LYS A 120 -18.98 3.53 -3.26
CA LYS A 120 -20.01 3.89 -4.25
C LYS A 120 -19.36 4.15 -5.61
N GLY A 121 -20.17 4.14 -6.67
CA GLY A 121 -19.70 4.28 -8.05
C GLY A 121 -19.96 3.01 -8.84
N GLN A 122 -20.41 3.15 -10.06
CA GLN A 122 -20.60 2.05 -11.04
C GLN A 122 -19.40 1.12 -10.94
N PRO A 123 -19.59 -0.20 -10.70
CA PRO A 123 -18.51 -1.14 -10.82
C PRO A 123 -17.86 -1.14 -12.21
N ARG A 124 -16.56 -1.43 -12.24
CA ARG A 124 -15.88 -1.67 -13.52
C ARG A 124 -15.32 -3.06 -13.48
N GLU A 125 -15.37 -3.70 -14.62
CA GLU A 125 -14.88 -5.10 -14.81
C GLU A 125 -13.35 -5.13 -14.96
N PRO A 126 -12.59 -5.92 -14.21
CA PRO A 126 -11.15 -6.00 -14.47
C PRO A 126 -10.86 -6.73 -15.80
N GLN A 127 -9.80 -6.26 -16.48
CA GLN A 127 -9.12 -6.99 -17.56
C GLN A 127 -7.96 -7.70 -16.85
N VAL A 128 -7.85 -8.99 -17.09
CA VAL A 128 -6.86 -9.82 -16.41
C VAL A 128 -5.92 -10.29 -17.50
N TYR A 129 -4.63 -10.01 -17.37
CA TYR A 129 -3.62 -10.54 -18.34
C TYR A 129 -2.51 -11.27 -17.57
N THR A 130 -2.04 -12.42 -18.06
CA THR A 130 -0.89 -13.18 -17.52
C THR A 130 0.30 -12.80 -18.42
N LEU A 131 1.50 -12.72 -17.82
CA LEU A 131 2.68 -12.22 -18.53
C LEU A 131 3.73 -13.20 -18.13
N PRO A 132 4.45 -13.82 -19.07
CA PRO A 132 5.51 -14.75 -18.66
C PRO A 132 6.71 -14.12 -17.98
N PRO A 133 7.71 -14.92 -17.56
CA PRO A 133 8.96 -14.42 -17.01
C PRO A 133 9.71 -13.69 -18.10
N SER A 134 10.56 -12.75 -17.72
CA SER A 134 11.44 -12.05 -18.69
C SER A 134 12.50 -13.04 -19.11
N ARG A 135 12.90 -13.05 -20.39
CA ARG A 135 14.10 -13.83 -20.81
C ARG A 135 15.25 -13.55 -19.83
N GLU A 136 15.49 -12.33 -19.34
CA GLU A 136 16.70 -12.11 -18.50
C GLU A 136 16.53 -12.93 -17.24
N GLU A 137 15.31 -13.10 -16.73
CA GLU A 137 15.16 -13.94 -15.52
C GLU A 137 15.38 -15.44 -15.83
N MET A 138 15.62 -15.85 -17.08
CA MET A 138 15.69 -17.31 -17.39
C MET A 138 17.08 -17.86 -17.14
N THR A 139 17.90 -17.21 -16.32
CA THR A 139 19.19 -17.77 -15.85
C THR A 139 19.05 -18.12 -14.35
N LYS A 140 18.04 -17.64 -13.63
CA LYS A 140 17.88 -17.99 -12.20
C LYS A 140 17.24 -19.39 -12.06
N ASN A 141 17.32 -19.98 -10.87
CA ASN A 141 16.71 -21.28 -10.50
C ASN A 141 15.18 -21.14 -10.39
N GLN A 142 14.70 -19.95 -10.07
CA GLN A 142 13.26 -19.67 -9.90
C GLN A 142 12.92 -18.58 -10.90
N VAL A 143 11.66 -18.50 -11.27
CA VAL A 143 11.16 -17.53 -12.27
C VAL A 143 9.81 -17.01 -11.77
N SER A 144 9.40 -15.82 -12.23
CA SER A 144 8.27 -15.00 -11.74
C SER A 144 7.25 -14.94 -12.87
N LEU A 145 6.05 -15.43 -12.53
CA LEU A 145 4.92 -15.42 -13.46
C LEU A 145 3.98 -14.31 -13.03
N SER A 146 3.52 -13.49 -13.94
CA SER A 146 2.68 -12.34 -13.51
C SER A 146 1.27 -12.38 -13.95
N CYS A 147 0.44 -11.83 -13.09
CA CYS A 147 -0.96 -11.60 -13.41
C CYS A 147 -1.27 -10.11 -13.15
N ALA A 148 -1.20 -9.28 -14.18
CA ALA A 148 -1.78 -7.93 -14.21
C ALA A 148 -3.30 -8.08 -14.14
N VAL A 149 -3.92 -7.39 -13.19
CA VAL A 149 -5.37 -7.08 -13.23
C VAL A 149 -5.56 -5.55 -13.33
N LYS A 150 -6.25 -5.03 -14.33
CA LYS A 150 -6.52 -3.60 -14.20
C LYS A 150 -7.91 -3.18 -14.61
N GLY A 151 -8.23 -1.95 -14.28
CA GLY A 151 -9.45 -1.33 -14.78
C GLY A 151 -10.62 -1.70 -13.92
N PHE A 152 -10.41 -2.06 -12.65
CA PHE A 152 -11.50 -2.47 -11.72
C PHE A 152 -11.87 -1.39 -10.71
N TYR A 153 -13.14 -1.45 -10.31
CA TYR A 153 -13.81 -0.51 -9.37
C TYR A 153 -15.05 -1.20 -8.83
N PRO A 154 -15.29 -1.21 -7.52
CA PRO A 154 -14.34 -0.75 -6.51
C PRO A 154 -13.13 -1.66 -6.32
N SER A 155 -12.33 -1.40 -5.29
CA SER A 155 -10.95 -1.92 -5.18
C SER A 155 -10.94 -3.25 -4.45
N ASP A 156 -12.07 -3.69 -3.95
CA ASP A 156 -12.10 -5.03 -3.28
C ASP A 156 -11.83 -6.13 -4.28
N ILE A 157 -10.82 -6.99 -4.07
CA ILE A 157 -10.46 -8.04 -5.05
C ILE A 157 -9.63 -9.09 -4.33
N ALA A 158 -9.71 -10.35 -4.77
CA ALA A 158 -8.90 -11.44 -4.20
C ALA A 158 -8.31 -12.15 -5.40
N VAL A 159 -7.03 -12.42 -5.35
CA VAL A 159 -6.29 -13.09 -6.42
C VAL A 159 -5.60 -14.35 -5.85
N GLU A 160 -5.59 -15.43 -6.63
CA GLU A 160 -5.06 -16.75 -6.15
C GLU A 160 -4.43 -17.40 -7.37
N TRP A 161 -3.52 -18.32 -7.17
CA TRP A 161 -2.94 -19.06 -8.32
C TRP A 161 -3.26 -20.52 -8.13
N GLU A 162 -3.23 -21.28 -9.23
CA GLU A 162 -3.24 -22.74 -9.07
C GLU A 162 -2.57 -23.43 -10.24
N SER A 163 -2.19 -24.68 -10.03
CA SER A 163 -1.80 -25.51 -11.18
C SER A 163 -2.37 -26.86 -11.07
N ASN A 164 -2.99 -27.32 -12.19
CA ASN A 164 -3.39 -28.69 -12.23
C ASN A 164 -4.26 -28.98 -11.02
N GLY A 165 -5.09 -28.06 -10.61
CA GLY A 165 -6.07 -28.36 -9.54
C GLY A 165 -5.46 -28.09 -8.17
N GLN A 166 -4.15 -27.76 -8.06
CA GLN A 166 -3.52 -27.63 -6.70
C GLN A 166 -3.25 -26.14 -6.38
N PRO A 167 -3.50 -25.65 -5.16
CA PRO A 167 -3.15 -24.25 -4.86
C PRO A 167 -1.64 -24.07 -5.06
N GLU A 168 -1.26 -23.00 -5.70
CA GLU A 168 0.17 -22.62 -5.72
C GLU A 168 0.31 -21.46 -4.75
N ASN A 169 1.05 -21.63 -3.64
CA ASN A 169 0.94 -20.63 -2.51
C ASN A 169 2.12 -19.64 -2.50
N ASN A 170 3.09 -19.85 -3.38
CA ASN A 170 4.35 -19.09 -3.38
C ASN A 170 4.13 -17.76 -4.17
N TYR A 171 3.19 -16.94 -3.79
CA TYR A 171 2.83 -15.73 -4.57
C TYR A 171 2.66 -14.59 -3.60
N LYS A 172 2.84 -13.34 -4.11
CA LYS A 172 2.56 -12.12 -3.36
C LYS A 172 1.80 -11.19 -4.31
N THR A 173 0.73 -10.55 -3.83
CA THR A 173 -0.08 -9.63 -4.66
C THR A 173 0.03 -8.19 -4.16
N THR A 174 0.12 -7.21 -5.06
CA THR A 174 0.33 -5.81 -4.59
C THR A 174 -1.04 -5.39 -4.14
N PRO A 175 -1.16 -4.37 -3.28
CA PRO A 175 -2.48 -3.84 -3.07
C PRO A 175 -2.86 -3.14 -4.37
N PRO A 176 -4.18 -2.85 -4.44
CA PRO A 176 -4.79 -2.13 -5.54
C PRO A 176 -4.25 -0.69 -5.57
N VAL A 177 -4.08 -0.21 -6.79
CA VAL A 177 -3.38 1.08 -6.93
C VAL A 177 -4.29 1.87 -7.84
N LEU A 178 -4.66 3.06 -7.40
CA LEU A 178 -5.53 3.95 -8.19
C LEU A 178 -4.74 4.37 -9.39
N ASP A 179 -5.41 4.37 -10.53
CA ASP A 179 -4.83 4.66 -11.86
C ASP A 179 -5.47 5.99 -12.28
N SER A 180 -5.14 6.51 -13.46
CA SER A 180 -5.51 7.89 -13.83
C SER A 180 -7.00 7.97 -14.12
N ASP A 181 -7.64 6.86 -14.50
CA ASP A 181 -9.02 6.94 -14.97
C ASP A 181 -9.98 6.67 -13.79
N GLY A 182 -9.49 6.61 -12.54
CA GLY A 182 -10.37 6.39 -11.39
C GLY A 182 -10.65 4.90 -11.18
N SER A 183 -10.11 4.01 -12.02
CA SER A 183 -10.15 2.53 -11.79
C SER A 183 -8.84 2.05 -11.12
N PHE A 184 -8.75 0.82 -10.57
CA PHE A 184 -7.54 0.32 -9.86
C PHE A 184 -6.79 -0.71 -10.70
N PHE A 185 -5.46 -0.88 -10.43
CA PHE A 185 -4.75 -2.06 -10.94
C PHE A 185 -3.95 -2.70 -9.85
N LEU A 186 -3.68 -4.02 -9.98
CA LEU A 186 -2.59 -4.61 -9.14
C LEU A 186 -1.81 -5.65 -9.98
N VAL A 187 -0.66 -6.09 -9.50
CA VAL A 187 0.01 -7.28 -10.08
C VAL A 187 0.33 -8.28 -8.99
N SER A 188 0.17 -9.49 -9.37
CA SER A 188 0.37 -10.69 -8.55
C SER A 188 1.54 -11.44 -9.11
N LYS A 189 2.46 -11.87 -8.23
CA LYS A 189 3.69 -12.48 -8.68
C LYS A 189 3.83 -13.86 -8.10
N LEU A 190 3.73 -14.86 -8.96
CA LEU A 190 3.88 -16.27 -8.49
C LEU A 190 5.27 -16.69 -8.77
N THR A 191 5.94 -17.23 -7.78
CA THR A 191 7.35 -17.65 -7.99
C THR A 191 7.32 -19.18 -8.15
N VAL A 192 7.96 -19.73 -9.17
CA VAL A 192 7.98 -21.19 -9.39
C VAL A 192 9.41 -21.56 -9.78
N ASP A 193 9.74 -22.84 -9.54
CA ASP A 193 10.94 -23.50 -10.07
C ASP A 193 10.89 -23.45 -11.59
N LYS A 194 11.97 -23.01 -12.21
CA LYS A 194 12.05 -22.84 -13.67
C LYS A 194 11.77 -24.17 -14.40
N SER A 195 12.40 -25.28 -13.98
CA SER A 195 12.13 -26.59 -14.61
C SER A 195 10.61 -26.70 -14.84
N ARG A 196 9.74 -26.25 -13.94
CA ARG A 196 8.28 -26.46 -14.01
C ARG A 196 7.75 -25.63 -15.16
N TRP A 197 8.11 -24.35 -15.18
CA TRP A 197 7.87 -23.49 -16.34
C TRP A 197 8.40 -24.17 -17.61
N GLN A 198 9.63 -24.66 -17.56
CA GLN A 198 10.28 -25.12 -18.82
C GLN A 198 9.69 -26.45 -19.27
N GLN A 199 9.08 -27.22 -18.35
CA GLN A 199 8.49 -28.55 -18.66
C GLN A 199 7.08 -28.40 -19.25
N GLY A 200 6.52 -27.20 -19.34
CA GLY A 200 5.19 -27.07 -19.98
C GLY A 200 4.08 -26.83 -18.96
N ASN A 201 4.37 -26.85 -17.67
CA ASN A 201 3.29 -26.86 -16.66
C ASN A 201 2.37 -25.69 -16.97
N VAL A 202 1.07 -25.81 -16.67
CA VAL A 202 0.05 -24.76 -16.87
C VAL A 202 -0.35 -24.15 -15.53
N PHE A 203 -0.25 -22.81 -15.40
CA PHE A 203 -0.49 -22.00 -14.18
C PHE A 203 -1.69 -21.05 -14.45
N SER A 204 -2.58 -20.86 -13.48
CA SER A 204 -3.83 -20.08 -13.59
C SER A 204 -3.87 -19.11 -12.44
N CYS A 205 -4.16 -17.87 -12.80
CA CYS A 205 -4.41 -16.72 -11.95
C CYS A 205 -5.93 -16.63 -11.79
N SER A 206 -6.37 -16.76 -10.56
CA SER A 206 -7.81 -16.80 -10.26
C SER A 206 -8.13 -15.43 -9.70
N VAL A 207 -8.97 -14.68 -10.39
CA VAL A 207 -9.41 -13.39 -9.86
C VAL A 207 -10.87 -13.51 -9.38
N MET A 208 -11.15 -12.95 -8.20
CA MET A 208 -12.56 -12.65 -7.80
C MET A 208 -12.75 -11.15 -7.69
N HIS A 209 -13.74 -10.58 -8.40
CA HIS A 209 -14.11 -9.15 -8.35
C HIS A 209 -15.59 -9.05 -8.60
N GLU A 210 -16.29 -8.05 -8.05
CA GLU A 210 -17.77 -8.10 -8.10
C GLU A 210 -18.29 -8.02 -9.54
N ALA A 211 -17.52 -7.47 -10.46
CA ALA A 211 -18.04 -7.00 -11.78
C ALA A 211 -17.69 -7.96 -12.90
N LEU A 212 -16.88 -8.97 -12.60
CA LEU A 212 -16.86 -10.25 -13.34
C LEU A 212 -18.21 -10.96 -13.30
N HIS A 213 -18.49 -11.75 -14.34
CA HIS A 213 -19.54 -12.80 -14.40
C HIS A 213 -19.28 -13.83 -13.31
N ASN A 214 -20.25 -14.02 -12.41
CA ASN A 214 -20.17 -14.97 -11.27
C ASN A 214 -19.05 -14.47 -10.33
N HIS A 215 -18.68 -13.18 -10.42
CA HIS A 215 -17.65 -12.59 -9.55
C HIS A 215 -16.32 -13.32 -9.73
N TYR A 216 -16.11 -14.03 -10.85
CA TYR A 216 -15.00 -15.01 -10.97
C TYR A 216 -14.45 -15.09 -12.40
N THR A 217 -13.14 -15.10 -12.55
CA THR A 217 -12.53 -15.49 -13.83
C THR A 217 -11.19 -16.19 -13.55
N GLN A 218 -10.68 -16.89 -14.52
CA GLN A 218 -9.35 -17.52 -14.37
C GLN A 218 -8.58 -17.32 -15.67
N LYS A 219 -7.32 -16.95 -15.66
CA LYS A 219 -6.49 -16.87 -16.88
C LYS A 219 -5.27 -17.76 -16.73
N SER A 220 -4.89 -18.41 -17.82
CA SER A 220 -3.87 -19.43 -17.80
C SER A 220 -2.61 -18.86 -18.44
N LEU A 221 -1.46 -19.44 -18.06
CA LEU A 221 -0.13 -18.95 -18.40
C LEU A 221 0.76 -20.18 -18.56
N SER A 222 1.39 -20.38 -19.70
CA SER A 222 2.28 -21.56 -19.89
C SER A 222 3.25 -21.30 -21.04
N LEU A 223 4.42 -21.93 -21.02
CA LEU A 223 5.49 -21.69 -22.00
C LEU A 223 4.92 -21.69 -23.42
N SER A 224 5.01 -20.52 -24.08
CA SER A 224 4.35 -20.08 -25.35
C SER A 224 3.74 -21.28 -26.14
N GLY A 282 -5.48 17.49 20.98
CA GLY A 282 -4.11 17.29 21.48
C GLY A 282 -3.08 17.46 20.36
N PRO A 283 -2.05 18.35 20.51
CA PRO A 283 -0.97 18.43 19.52
C PRO A 283 -0.13 17.13 19.36
N SER A 284 -0.16 16.53 18.17
CA SER A 284 0.58 15.29 17.83
C SER A 284 1.74 15.64 16.86
N VAL A 285 2.74 14.75 16.83
CA VAL A 285 3.98 14.95 16.04
C VAL A 285 4.18 13.78 15.08
N PHE A 286 4.49 14.11 13.83
CA PHE A 286 4.88 13.24 12.73
C PHE A 286 6.31 13.61 12.28
N LEU A 287 7.11 12.59 11.99
CA LEU A 287 8.48 12.77 11.46
C LEU A 287 8.61 11.97 10.20
N PHE A 288 8.80 12.66 9.08
CA PHE A 288 8.84 11.98 7.77
C PHE A 288 10.29 11.80 7.35
N PRO A 289 10.59 10.67 6.69
CA PRO A 289 11.88 10.46 6.08
C PRO A 289 11.99 11.18 4.73
N PRO A 290 13.23 11.29 4.18
CA PRO A 290 13.44 12.04 2.98
C PRO A 290 12.66 11.32 1.89
N LYS A 291 12.46 12.00 0.77
CA LYS A 291 12.00 11.35 -0.46
C LYS A 291 13.10 10.45 -0.98
N PRO A 292 12.79 9.20 -1.39
CA PRO A 292 13.84 8.27 -1.81
C PRO A 292 14.74 8.77 -2.93
N LYS A 293 14.13 9.38 -3.93
CA LYS A 293 14.94 9.90 -5.07
C LYS A 293 15.88 11.00 -4.57
N ASP A 294 15.44 11.87 -3.64
CA ASP A 294 16.36 12.86 -3.03
C ASP A 294 17.55 12.12 -2.43
N THR A 295 17.34 11.00 -1.73
CA THR A 295 18.41 10.29 -0.99
C THR A 295 19.42 9.58 -1.94
N LEU A 296 19.06 9.43 -3.22
CA LEU A 296 19.75 8.54 -4.21
C LEU A 296 20.47 9.34 -5.31
N MET A 297 20.06 10.56 -5.62
CA MET A 297 20.84 11.42 -6.51
C MET A 297 21.55 12.48 -5.67
N ILE A 298 22.86 12.47 -5.78
CA ILE A 298 23.78 13.22 -4.89
C ILE A 298 23.65 14.73 -5.23
N SER A 299 23.08 15.08 -6.40
CA SER A 299 22.89 16.50 -6.81
C SER A 299 21.61 17.10 -6.18
N ARG A 300 20.79 16.32 -5.48
CA ARG A 300 19.64 16.89 -4.74
C ARG A 300 19.90 16.92 -3.25
N THR A 301 18.88 17.37 -2.55
CA THR A 301 18.99 17.85 -1.16
C THR A 301 17.94 17.04 -0.38
N PRO A 302 18.30 15.82 0.13
CA PRO A 302 17.36 15.06 0.92
C PRO A 302 17.06 15.78 2.23
N GLU A 303 15.86 15.57 2.78
CA GLU A 303 15.46 16.31 4.00
C GLU A 303 14.47 15.46 4.82
N VAL A 304 14.58 15.59 6.15
CA VAL A 304 13.58 15.06 7.12
C VAL A 304 12.64 16.19 7.51
N THR A 305 11.41 15.86 7.83
CA THR A 305 10.34 16.85 8.03
C THR A 305 9.66 16.46 9.31
N CYS A 306 9.67 17.41 10.23
CA CYS A 306 8.94 17.28 11.48
C CYS A 306 7.71 18.18 11.48
N VAL A 307 6.54 17.61 11.77
CA VAL A 307 5.21 18.24 11.58
C VAL A 307 4.47 18.11 12.92
N VAL A 308 4.10 19.24 13.52
CA VAL A 308 3.22 19.39 14.70
C VAL A 308 1.87 19.84 14.21
N VAL A 309 0.86 19.17 14.70
CA VAL A 309 -0.46 19.15 14.02
C VAL A 309 -1.40 19.40 15.17
N ASP A 310 -2.47 20.19 14.94
CA ASP A 310 -3.57 20.53 15.89
C ASP A 310 -3.03 21.49 16.97
N VAL A 311 -2.13 22.41 16.57
CA VAL A 311 -1.63 23.49 17.48
C VAL A 311 -2.77 24.49 17.75
N SER A 312 -3.14 24.65 19.01
CA SER A 312 -4.24 25.53 19.44
C SER A 312 -3.82 26.97 19.12
N GLN A 313 -4.72 27.79 18.58
CA GLN A 313 -4.46 29.24 18.36
C GLN A 313 -4.01 29.87 19.68
N GLU A 314 -4.53 29.43 20.83
CA GLU A 314 -4.19 30.01 22.15
C GLU A 314 -2.71 29.69 22.49
N ASP A 315 -2.08 28.68 21.88
CA ASP A 315 -0.72 28.25 22.30
C ASP A 315 0.15 27.74 21.16
N PRO A 316 0.83 28.66 20.41
CA PRO A 316 2.24 28.47 20.07
C PRO A 316 2.88 29.11 21.33
N GLU A 317 4.16 29.52 21.33
CA GLU A 317 5.14 29.32 20.28
C GLU A 317 5.48 27.84 20.27
N VAL A 318 5.98 27.35 19.15
CA VAL A 318 6.44 25.93 19.01
C VAL A 318 7.95 25.94 18.77
N GLN A 319 8.72 25.33 19.67
CA GLN A 319 10.20 25.28 19.57
C GLN A 319 10.56 23.89 19.05
N PHE A 320 11.59 23.84 18.22
CA PHE A 320 12.02 22.58 17.62
C PHE A 320 13.46 22.39 18.03
N ASN A 321 13.88 21.15 18.38
CA ASN A 321 15.29 20.81 18.64
C ASN A 321 15.62 19.58 17.80
N TRP A 322 16.76 19.60 17.13
CA TRP A 322 17.10 18.55 16.16
C TRP A 322 18.40 17.88 16.58
N TYR A 323 18.45 16.56 16.55
CA TYR A 323 19.68 15.81 16.95
C TYR A 323 20.00 14.79 15.86
N VAL A 324 21.26 14.74 15.45
CA VAL A 324 21.89 13.74 14.55
C VAL A 324 22.76 12.81 15.38
N ASP A 325 22.25 11.60 15.65
CA ASP A 325 22.88 10.62 16.57
C ASP A 325 23.18 11.33 17.90
N GLY A 326 22.19 12.05 18.44
CA GLY A 326 22.24 12.65 19.79
C GLY A 326 22.88 14.03 19.85
N VAL A 327 23.60 14.45 18.80
CA VAL A 327 24.23 15.82 18.73
C VAL A 327 23.22 16.80 18.12
N GLU A 328 22.80 17.74 18.95
CA GLU A 328 21.99 18.89 18.51
C GLU A 328 22.71 19.42 17.22
N VAL A 329 21.87 19.78 16.24
CA VAL A 329 22.23 20.67 15.10
C VAL A 329 21.17 21.80 15.01
N HIS A 330 21.64 22.90 14.26
CA HIS A 330 20.98 24.23 14.39
C HIS A 330 20.63 24.72 12.97
N ASN A 331 20.63 23.82 11.97
CA ASN A 331 20.56 24.21 10.53
C ASN A 331 19.12 24.00 10.01
N ALA A 332 18.18 23.72 10.92
CA ALA A 332 16.77 23.38 10.53
C ALA A 332 16.07 24.69 10.21
N LYS A 333 15.15 24.65 9.24
CA LYS A 333 14.33 25.83 8.83
C LYS A 333 12.87 25.52 9.13
N THR A 334 12.34 26.23 10.12
CA THR A 334 10.92 26.21 10.52
C THR A 334 10.14 27.17 9.61
N LYS A 335 9.00 26.70 9.11
CA LYS A 335 8.04 27.50 8.33
C LYS A 335 7.07 28.18 9.27
N PRO A 336 6.43 29.19 8.68
CA PRO A 336 5.33 29.83 9.37
C PRO A 336 4.12 28.89 9.55
N ARG A 337 3.31 29.13 10.58
CA ARG A 337 2.24 28.16 10.89
C ARG A 337 1.29 28.09 9.66
N GLU A 338 0.83 26.89 9.28
CA GLU A 338 -0.10 26.67 8.13
C GLU A 338 -1.50 26.42 8.67
N GLU A 339 -2.52 27.12 8.19
CA GLU A 339 -3.93 26.87 8.62
C GLU A 339 -4.29 25.43 8.22
N GLN A 340 -4.87 24.67 9.17
CA GLN A 340 -5.51 23.35 9.00
C GLN A 340 -6.97 23.61 8.58
N PHE A 341 -7.77 22.59 8.27
CA PHE A 341 -9.20 22.74 7.86
C PHE A 341 -10.12 22.94 9.07
N ASN A 342 -9.58 22.84 10.28
CA ASN A 342 -10.38 22.94 11.54
C ASN A 342 -9.95 24.08 12.45
N SER A 343 -9.20 25.09 11.99
CA SER A 343 -8.95 26.32 12.81
C SER A 343 -7.93 26.10 13.95
N ASP A 344 -7.32 24.93 14.05
CA ASP A 344 -6.04 24.77 14.76
C ASP A 344 -4.98 24.90 13.67
N TYR A 345 -3.70 24.75 14.01
CA TYR A 345 -2.58 25.01 13.07
C TYR A 345 -1.64 23.82 13.00
N ARG A 346 -0.87 23.83 11.94
CA ARG A 346 0.25 22.92 11.66
C ARG A 346 1.53 23.77 11.62
N VAL A 347 2.58 23.29 12.27
CA VAL A 347 3.96 23.80 12.09
C VAL A 347 4.87 22.66 11.63
N VAL A 348 5.65 22.96 10.60
CA VAL A 348 6.60 22.08 9.88
C VAL A 348 8.01 22.67 10.07
N SER A 349 8.94 21.89 10.63
CA SER A 349 10.41 22.14 10.59
C SER A 349 11.06 21.14 9.66
N VAL A 350 12.00 21.58 8.83
CA VAL A 350 12.61 20.77 7.73
C VAL A 350 14.12 20.79 7.96
N LEU A 351 14.74 19.61 8.05
CA LEU A 351 16.22 19.55 8.29
C LEU A 351 16.81 18.85 7.07
N THR A 352 17.62 19.56 6.32
CA THR A 352 18.42 18.93 5.24
C THR A 352 19.30 17.84 5.87
N VAL A 353 19.63 16.78 5.15
CA VAL A 353 20.55 15.73 5.62
C VAL A 353 21.59 15.43 4.52
N LEU A 354 22.83 15.13 4.95
CA LEU A 354 23.89 14.76 3.97
C LEU A 354 23.57 13.37 3.43
N HIS A 355 23.81 13.19 2.13
CA HIS A 355 23.51 11.94 1.39
C HIS A 355 24.15 10.77 2.16
N GLN A 356 25.40 10.92 2.54
CA GLN A 356 26.23 9.85 3.16
C GLN A 356 25.77 9.61 4.60
N ASP A 357 25.17 10.60 5.26
CA ASP A 357 24.71 10.37 6.65
C ASP A 357 23.43 9.52 6.61
N TRP A 358 22.57 9.77 5.65
CA TRP A 358 21.22 9.15 5.63
C TRP A 358 21.37 7.66 5.27
N LEU A 359 22.10 7.37 4.18
CA LEU A 359 22.39 6.00 3.71
C LEU A 359 23.23 5.23 4.74
N ASN A 360 24.06 5.88 5.54
CA ASN A 360 24.97 5.25 6.52
C ASN A 360 24.22 4.90 7.82
N GLY A 361 22.97 5.36 8.02
CA GLY A 361 22.07 4.95 9.11
C GLY A 361 21.96 5.92 10.28
N LYS A 362 22.37 7.19 10.12
CA LYS A 362 22.25 8.16 11.23
C LYS A 362 20.79 8.35 11.56
N GLU A 363 20.52 8.57 12.83
CA GLU A 363 19.19 8.77 13.43
C GLU A 363 18.94 10.25 13.63
N TYR A 364 17.80 10.70 13.11
CA TYR A 364 17.36 12.10 13.22
C TYR A 364 16.21 12.13 14.24
N LYS A 365 16.42 12.87 15.31
CA LYS A 365 15.44 13.10 16.39
C LYS A 365 14.91 14.53 16.30
N CYS A 366 13.61 14.69 16.13
CA CYS A 366 12.91 15.98 16.31
C CYS A 366 12.28 15.99 17.69
N LYS A 367 12.71 16.92 18.57
CA LYS A 367 12.02 17.31 19.82
C LYS A 367 11.19 18.57 19.62
N VAL A 368 9.94 18.49 20.04
CA VAL A 368 8.89 19.54 19.91
C VAL A 368 8.51 19.96 21.31
N SER A 369 8.39 21.28 21.51
CA SER A 369 7.99 21.86 22.81
C SER A 369 7.03 23.02 22.55
N ASN A 370 5.96 23.10 23.35
CA ASN A 370 4.78 23.99 23.19
C ASN A 370 4.02 23.92 24.52
N LYS A 371 3.17 24.89 24.87
CA LYS A 371 2.50 24.93 26.21
C LYS A 371 1.22 24.07 26.18
N GLY A 372 0.66 23.85 24.97
CA GLY A 372 -0.44 22.90 24.69
C GLY A 372 -0.02 21.44 24.89
N LEU A 373 1.29 21.18 24.98
CA LEU A 373 1.91 19.88 25.41
C LEU A 373 2.17 19.91 26.94
N PRO A 374 2.41 18.72 27.57
CA PRO A 374 2.75 18.70 29.00
C PRO A 374 4.23 19.01 29.28
N SER A 375 5.17 18.45 28.47
CA SER A 375 6.65 18.67 28.50
C SER A 375 7.26 18.70 27.07
N SER A 376 7.30 17.56 26.37
CA SER A 376 8.00 17.43 25.07
C SER A 376 7.51 16.16 24.40
N ILE A 377 7.60 16.17 23.07
CA ILE A 377 7.36 14.98 22.20
C ILE A 377 8.58 14.85 21.31
N GLU A 378 9.18 13.66 21.33
CA GLU A 378 10.41 13.32 20.58
C GLU A 378 10.02 12.24 19.61
N LYS A 379 10.37 12.40 18.33
CA LYS A 379 10.29 11.30 17.36
C LYS A 379 11.68 11.13 16.75
N THR A 380 11.99 9.91 16.43
CA THR A 380 13.30 9.54 15.91
C THR A 380 12.98 8.82 14.62
N ILE A 381 13.64 9.19 13.53
CA ILE A 381 13.53 8.35 12.32
C ILE A 381 14.92 8.00 11.86
N SER A 382 15.03 6.91 11.12
CA SER A 382 16.28 6.62 10.39
C SER A 382 15.99 5.72 9.22
N LYS A 383 17.03 5.50 8.44
CA LYS A 383 16.89 4.51 7.36
C LYS A 383 16.80 3.14 8.01
N ALA A 384 15.99 2.30 7.39
CA ALA A 384 15.81 0.90 7.78
C ALA A 384 17.18 0.25 7.75
N LYS A 385 17.42 -0.52 8.79
CA LYS A 385 18.63 -1.31 9.06
C LYS A 385 18.58 -2.63 8.33
N GLY A 386 19.73 -3.04 7.76
CA GLY A 386 19.91 -4.39 7.22
C GLY A 386 20.74 -4.30 5.96
N GLN A 387 21.33 -5.41 5.55
CA GLN A 387 22.22 -5.54 4.37
C GLN A 387 21.41 -5.10 3.16
N PRO A 388 21.75 -3.98 2.49
CA PRO A 388 21.06 -3.63 1.25
C PRO A 388 21.14 -4.77 0.24
N ARG A 389 20.07 -4.94 -0.51
CA ARG A 389 20.01 -5.97 -1.54
C ARG A 389 19.70 -5.27 -2.83
N GLU A 390 20.50 -5.55 -3.85
CA GLU A 390 20.36 -4.97 -5.19
C GLU A 390 19.07 -5.48 -5.84
N PRO A 391 18.24 -4.60 -6.42
CA PRO A 391 17.12 -5.04 -7.20
C PRO A 391 17.53 -5.70 -8.52
N GLN A 392 16.65 -6.61 -8.95
CA GLN A 392 16.62 -7.21 -10.29
C GLN A 392 15.53 -6.43 -11.03
N VAL A 393 15.86 -5.84 -12.18
CA VAL A 393 14.86 -5.02 -12.91
C VAL A 393 14.55 -5.76 -14.18
N TYR A 394 13.27 -6.09 -14.44
CA TYR A 394 12.92 -6.83 -15.71
C TYR A 394 11.74 -6.15 -16.39
N THR A 395 11.80 -5.82 -17.65
CA THR A 395 10.67 -5.22 -18.37
C THR A 395 9.86 -6.34 -19.03
N LEU A 396 8.52 -6.20 -19.08
CA LEU A 396 7.62 -7.19 -19.63
C LEU A 396 6.83 -6.44 -20.70
N PRO A 397 6.83 -6.93 -21.95
CA PRO A 397 5.89 -6.35 -22.93
C PRO A 397 4.43 -6.66 -22.63
N PRO A 398 3.50 -5.96 -23.29
CA PRO A 398 2.09 -6.24 -23.15
C PRO A 398 1.87 -7.75 -23.25
N SER A 399 0.86 -8.24 -22.56
CA SER A 399 0.10 -9.46 -23.01
C SER A 399 -0.34 -9.32 -24.46
N ARG A 400 -0.21 -10.39 -25.25
CA ARG A 400 -0.89 -10.50 -26.57
C ARG A 400 -2.36 -10.12 -26.41
N GLU A 401 -3.07 -10.44 -25.32
CA GLU A 401 -4.56 -10.25 -25.33
C GLU A 401 -4.84 -8.77 -25.19
N GLU A 402 -3.90 -8.02 -24.63
CA GLU A 402 -4.11 -6.55 -24.53
C GLU A 402 -3.99 -5.91 -25.93
N MET A 403 -3.37 -6.54 -26.92
CA MET A 403 -3.09 -5.85 -28.23
C MET A 403 -4.39 -5.52 -28.98
N THR A 404 -5.57 -5.93 -28.52
CA THR A 404 -6.83 -5.51 -29.18
C THR A 404 -7.32 -4.18 -28.59
N LYS A 405 -6.58 -3.57 -27.65
CA LYS A 405 -6.92 -2.21 -27.12
C LYS A 405 -6.19 -1.11 -27.90
N ASN A 406 -6.70 0.11 -27.77
CA ASN A 406 -6.09 1.39 -28.21
C ASN A 406 -4.72 1.57 -27.49
N GLN A 407 -4.71 1.24 -26.21
CA GLN A 407 -3.62 1.55 -25.28
C GLN A 407 -3.26 0.28 -24.55
N VAL A 408 -1.98 0.19 -24.25
CA VAL A 408 -1.28 -1.06 -23.92
C VAL A 408 -0.37 -0.76 -22.71
N SER A 409 -0.13 -1.80 -21.90
CA SER A 409 0.62 -1.75 -20.63
C SER A 409 2.03 -2.32 -20.85
N LEU A 410 3.04 -1.53 -20.45
CA LEU A 410 4.43 -2.01 -20.36
C LEU A 410 4.80 -2.09 -18.91
N TRP A 411 5.47 -3.16 -18.53
CA TRP A 411 5.69 -3.53 -17.13
C TRP A 411 7.14 -3.41 -16.86
N CYS A 412 7.50 -2.79 -15.72
CA CYS A 412 8.81 -2.94 -15.06
C CYS A 412 8.63 -3.67 -13.72
N LEU A 413 8.98 -4.95 -13.61
CA LEU A 413 8.99 -5.72 -12.34
C LEU A 413 10.32 -5.37 -11.76
N VAL A 414 10.34 -5.00 -10.52
CA VAL A 414 11.62 -4.77 -9.85
C VAL A 414 11.48 -5.66 -8.66
N LYS A 415 12.46 -6.49 -8.42
CA LYS A 415 12.31 -7.30 -7.24
C LYS A 415 13.65 -7.58 -6.56
N GLY A 416 13.56 -8.14 -5.37
CA GLY A 416 14.74 -8.54 -4.58
C GLY A 416 15.47 -7.35 -3.98
N PHE A 417 14.81 -6.20 -3.67
CA PHE A 417 15.48 -5.01 -3.11
C PHE A 417 15.17 -4.81 -1.65
N TYR A 418 16.17 -4.29 -0.96
CA TYR A 418 16.18 -3.89 0.46
C TYR A 418 17.15 -2.72 0.60
N PRO A 419 16.86 -1.73 1.45
CA PRO A 419 15.51 -1.58 2.01
C PRO A 419 14.46 -1.18 0.94
N SER A 420 13.26 -0.80 1.35
CA SER A 420 12.13 -0.56 0.39
C SER A 420 12.26 0.76 -0.38
N ASP A 421 13.21 1.62 -0.02
CA ASP A 421 13.27 3.01 -0.55
C ASP A 421 13.64 2.94 -2.02
N ILE A 422 12.81 3.44 -2.93
CA ILE A 422 13.08 3.26 -4.36
C ILE A 422 12.38 4.32 -5.17
N ALA A 423 12.90 4.56 -6.37
CA ALA A 423 12.17 5.48 -7.28
C ALA A 423 12.17 4.82 -8.63
N VAL A 424 11.05 4.88 -9.32
CA VAL A 424 11.01 4.36 -10.68
C VAL A 424 10.45 5.46 -11.58
N GLU A 425 10.97 5.54 -12.77
CA GLU A 425 10.44 6.52 -13.75
C GLU A 425 10.59 5.90 -15.13
N TRP A 426 9.99 6.52 -16.14
CA TRP A 426 9.97 5.96 -17.50
C TRP A 426 10.36 7.03 -18.48
N GLU A 427 10.98 6.64 -19.58
CA GLU A 427 11.38 7.65 -20.57
C GLU A 427 11.29 7.01 -21.95
N SER A 428 11.13 7.80 -22.96
CA SER A 428 11.41 7.25 -24.29
C SER A 428 12.03 8.31 -25.05
N ASN A 429 13.13 7.91 -25.76
CA ASN A 429 13.81 8.77 -26.68
C ASN A 429 14.28 10.03 -25.96
N GLY A 430 14.62 9.97 -24.70
CA GLY A 430 15.28 11.08 -23.99
C GLY A 430 14.24 12.00 -23.44
N GLN A 431 12.96 11.56 -23.43
CA GLN A 431 11.83 12.39 -22.94
C GLN A 431 11.15 11.60 -21.82
N PRO A 432 10.69 12.24 -20.75
CA PRO A 432 9.98 11.51 -19.68
C PRO A 432 8.62 11.06 -20.22
N GLU A 433 8.24 9.86 -19.83
CA GLU A 433 6.86 9.36 -20.10
C GLU A 433 6.15 9.47 -18.78
N ASN A 434 5.08 10.24 -18.75
CA ASN A 434 4.50 10.63 -17.43
C ASN A 434 3.21 9.82 -17.14
N ASN A 435 2.65 9.06 -18.12
CA ASN A 435 1.39 8.27 -18.00
C ASN A 435 1.72 6.89 -17.39
N TYR A 436 2.23 6.84 -16.17
CA TYR A 436 2.63 5.57 -15.53
C TYR A 436 2.19 5.64 -14.09
N LYS A 437 1.83 4.50 -13.49
CA LYS A 437 1.69 4.43 -12.02
C LYS A 437 2.67 3.35 -11.53
N THR A 438 3.18 3.48 -10.33
CA THR A 438 3.92 2.39 -9.72
C THR A 438 3.25 1.82 -8.47
N THR A 439 3.38 0.50 -8.21
CA THR A 439 2.80 -0.13 -7.01
C THR A 439 3.68 0.28 -5.87
N PRO A 440 3.19 0.19 -4.60
CA PRO A 440 4.11 0.31 -3.50
C PRO A 440 5.00 -0.91 -3.44
N PRO A 441 6.16 -0.74 -2.80
CA PRO A 441 7.01 -1.91 -2.52
C PRO A 441 6.18 -2.92 -1.74
N VAL A 442 6.41 -4.18 -2.07
CA VAL A 442 5.63 -5.25 -1.39
C VAL A 442 6.66 -6.19 -0.75
N LEU A 443 6.47 -6.55 0.52
CA LEU A 443 7.36 -7.48 1.21
C LEU A 443 7.17 -8.86 0.64
N ASP A 444 8.26 -9.36 0.11
CA ASP A 444 8.35 -10.73 -0.41
C ASP A 444 8.76 -11.63 0.74
N SER A 445 8.77 -12.96 0.52
CA SER A 445 8.85 -13.96 1.61
C SER A 445 10.31 -14.08 2.07
N ASP A 446 11.25 -13.65 1.24
CA ASP A 446 12.69 -13.71 1.60
C ASP A 446 13.08 -12.39 2.31
N GLY A 447 12.12 -11.55 2.72
CA GLY A 447 12.48 -10.29 3.40
C GLY A 447 12.85 -9.17 2.42
N SER A 448 12.96 -9.45 1.12
CA SER A 448 13.20 -8.37 0.13
C SER A 448 11.83 -7.76 -0.26
N PHE A 449 11.83 -6.71 -1.09
CA PHE A 449 10.60 -6.05 -1.56
C PHE A 449 10.59 -6.12 -3.07
N PHE A 450 9.38 -6.02 -3.65
CA PHE A 450 9.23 -5.98 -5.11
C PHE A 450 8.10 -5.03 -5.39
N LEU A 451 8.09 -4.53 -6.61
CA LEU A 451 6.86 -3.82 -7.03
C LEU A 451 6.79 -4.00 -8.54
N TYR A 452 5.79 -3.36 -9.10
CA TYR A 452 5.73 -3.26 -10.57
C TYR A 452 5.51 -1.80 -10.88
N SER A 453 5.94 -1.36 -12.04
CA SER A 453 5.51 -0.06 -12.61
C SER A 453 4.83 -0.22 -13.95
N LYS A 454 3.80 0.58 -14.21
CA LYS A 454 2.99 0.24 -15.39
C LYS A 454 2.98 1.48 -16.22
N LEU A 455 3.50 1.39 -17.43
CA LEU A 455 3.45 2.60 -18.31
C LEU A 455 2.39 2.35 -19.33
N THR A 456 1.38 3.18 -19.45
CA THR A 456 0.41 2.89 -20.54
C THR A 456 0.68 3.92 -21.66
N VAL A 457 0.97 3.39 -22.85
CA VAL A 457 1.21 4.09 -24.14
C VAL A 457 0.14 3.65 -25.15
N ASP A 458 -0.15 4.55 -26.10
CA ASP A 458 -0.93 4.26 -27.31
C ASP A 458 -0.28 3.02 -27.89
N LYS A 459 -1.00 2.19 -28.62
CA LYS A 459 -0.45 0.94 -29.17
C LYS A 459 0.34 1.15 -30.49
N SER A 460 -0.05 2.14 -31.29
CA SER A 460 0.69 2.52 -32.51
C SER A 460 2.17 2.71 -32.16
N ARG A 461 2.50 3.36 -31.04
CA ARG A 461 3.86 3.72 -30.56
C ARG A 461 4.62 2.44 -30.24
N TRP A 462 3.95 1.57 -29.48
CA TRP A 462 4.41 0.19 -29.23
C TRP A 462 4.65 -0.56 -30.53
N GLN A 463 3.71 -0.57 -31.46
CA GLN A 463 3.90 -1.40 -32.71
C GLN A 463 4.84 -0.74 -33.73
N GLN A 464 5.04 0.56 -33.65
CA GLN A 464 6.02 1.32 -34.50
C GLN A 464 7.45 1.00 -34.01
N GLY A 465 7.60 0.39 -32.85
CA GLY A 465 8.94 -0.08 -32.45
C GLY A 465 9.61 0.94 -31.54
N ASN A 466 8.89 1.94 -31.07
CA ASN A 466 9.48 2.99 -30.21
C ASN A 466 10.09 2.26 -29.03
N VAL A 467 11.11 2.84 -28.40
CA VAL A 467 11.86 2.18 -27.32
C VAL A 467 11.58 2.91 -26.00
N PHE A 468 11.13 2.16 -24.98
CA PHE A 468 10.73 2.64 -23.62
C PHE A 468 11.83 2.20 -22.62
N SER A 469 12.22 3.02 -21.64
CA SER A 469 13.19 2.68 -20.56
C SER A 469 12.54 2.94 -19.20
N CYS A 470 12.64 1.96 -18.34
CA CYS A 470 12.38 1.95 -16.90
C CYS A 470 13.68 2.28 -16.18
N SER A 471 13.69 3.42 -15.53
CA SER A 471 14.82 3.97 -14.72
C SER A 471 14.53 3.61 -13.28
N VAL A 472 15.45 2.97 -12.62
CA VAL A 472 15.24 2.52 -11.24
C VAL A 472 16.34 3.05 -10.35
N MET A 473 15.97 3.77 -9.31
CA MET A 473 16.99 4.34 -8.39
C MET A 473 16.83 3.62 -7.06
N HIS A 474 17.95 3.17 -6.49
CA HIS A 474 17.95 2.27 -5.29
C HIS A 474 19.37 2.26 -4.78
N GLU A 475 19.64 2.22 -3.46
CA GLU A 475 20.99 2.50 -2.94
C GLU A 475 22.00 1.49 -3.44
N ALA A 476 21.55 0.25 -3.60
CA ALA A 476 22.35 -0.96 -3.87
C ALA A 476 22.70 -1.16 -5.35
N LEU A 477 22.10 -0.43 -6.29
CA LEU A 477 22.59 -0.40 -7.70
C LEU A 477 23.93 0.35 -7.79
N HIS A 478 24.71 0.11 -8.84
CA HIS A 478 25.93 0.90 -9.22
C HIS A 478 25.51 2.35 -9.47
N ASN A 479 26.12 3.32 -8.78
CA ASN A 479 25.76 4.76 -8.84
C ASN A 479 24.33 5.00 -8.35
N HIS A 480 23.68 3.99 -7.72
CA HIS A 480 22.26 4.04 -7.27
C HIS A 480 21.28 4.15 -8.44
N TYR A 481 21.57 3.54 -9.59
CA TYR A 481 20.72 3.77 -10.79
C TYR A 481 20.90 2.62 -11.77
N THR A 482 19.78 2.20 -12.33
CA THR A 482 19.85 1.37 -13.53
C THR A 482 18.69 1.77 -14.44
N GLN A 483 18.83 1.44 -15.70
CA GLN A 483 17.76 1.57 -16.72
C GLN A 483 17.62 0.24 -17.45
N LYS A 484 16.42 -0.25 -17.71
CA LYS A 484 16.17 -1.33 -18.69
C LYS A 484 15.28 -0.79 -19.77
N SER A 485 15.54 -1.24 -20.99
CA SER A 485 14.80 -0.97 -22.20
C SER A 485 13.72 -2.04 -22.39
N LEU A 486 12.74 -1.68 -23.22
CA LEU A 486 11.61 -2.48 -23.62
C LEU A 486 11.18 -1.97 -25.00
N SER A 487 11.37 -2.73 -26.06
CA SER A 487 10.71 -2.39 -27.33
C SER A 487 10.12 -3.66 -27.97
N LEU A 488 9.26 -3.48 -28.98
CA LEU A 488 8.69 -4.58 -29.77
C LEU A 488 9.76 -5.57 -30.23
N SER A 489 9.60 -6.84 -29.80
CA SER A 489 10.57 -7.98 -29.94
C SER A 489 11.43 -7.86 -31.22
ZN ZN B . -23.31 -11.83 -6.21
ZN ZN C . 25.72 7.37 -2.66
#